data_2N07
#
_entry.id   2N07
#
_entity_poly.entity_id   1
_entity_poly.type   'polypeptide(L)'
_entity_poly.pdbx_seq_one_letter_code
;GHCSDPRFNYDHPEICGGAAGG
;
_entity_poly.pdbx_strand_id   X
#
# COMPACT_ATOMS: atom_id res chain seq x y z
N GLY A 1 5.71 1.21 0.01
CA GLY A 1 5.70 2.64 -0.18
C GLY A 1 4.90 3.35 0.88
N HIS A 2 3.94 4.15 0.44
CA HIS A 2 3.06 4.90 1.36
C HIS A 2 1.99 3.97 1.94
N CYS A 3 2.39 2.73 2.24
CA CYS A 3 1.48 1.73 2.79
C CYS A 3 1.08 2.04 4.24
N SER A 4 1.67 3.07 4.80
CA SER A 4 1.34 3.48 6.16
C SER A 4 -0.01 4.20 6.15
N ASP A 5 -0.43 4.58 4.95
CA ASP A 5 -1.69 5.28 4.73
C ASP A 5 -2.84 4.29 4.62
N PRO A 6 -3.93 4.50 5.38
CA PRO A 6 -5.10 3.63 5.35
C PRO A 6 -5.78 3.62 3.99
N ARG A 7 -5.77 4.78 3.34
CA ARG A 7 -6.37 4.93 2.03
C ARG A 7 -5.53 4.29 0.95
N PHE A 8 -4.23 4.56 0.98
CA PHE A 8 -3.30 4.04 -0.03
C PHE A 8 -3.39 2.52 -0.15
N ASN A 9 -3.53 1.82 0.97
CA ASN A 9 -3.63 0.36 0.96
C ASN A 9 -4.85 -0.09 0.16
N TYR A 10 -5.96 0.61 0.36
CA TYR A 10 -7.20 0.30 -0.33
C TYR A 10 -7.16 0.82 -1.77
N ASP A 11 -6.58 2.00 -1.93
CA ASP A 11 -6.46 2.66 -3.22
C ASP A 11 -5.55 1.87 -4.16
N HIS A 12 -4.46 1.35 -3.60
CA HIS A 12 -3.49 0.59 -4.36
C HIS A 12 -3.02 -0.64 -3.63
N PRO A 13 -3.87 -1.68 -3.57
CA PRO A 13 -3.55 -2.93 -2.90
C PRO A 13 -2.46 -3.72 -3.63
N GLU A 14 -2.36 -3.51 -4.95
CA GLU A 14 -1.36 -4.21 -5.76
C GLU A 14 0.05 -3.71 -5.47
N ILE A 15 0.19 -2.41 -5.28
CA ILE A 15 1.50 -1.82 -5.00
C ILE A 15 2.05 -2.28 -3.66
N CYS A 16 1.23 -2.21 -2.62
CA CYS A 16 1.66 -2.61 -1.29
C CYS A 16 1.69 -4.13 -1.15
N GLY A 17 0.66 -4.80 -1.66
CA GLY A 17 0.58 -6.25 -1.59
C GLY A 17 0.29 -6.75 -0.18
N GLY A 18 1.22 -6.50 0.72
CA GLY A 18 1.06 -6.92 2.10
C GLY A 18 2.29 -6.58 2.93
N ALA A 19 2.87 -5.42 2.66
CA ALA A 19 4.05 -4.97 3.38
C ALA A 19 4.19 -3.45 3.29
N ALA A 20 4.55 -2.83 4.40
CA ALA A 20 4.71 -1.38 4.47
C ALA A 20 5.86 -0.90 3.59
N GLY A 21 6.82 -1.79 3.36
CA GLY A 21 7.99 -1.45 2.55
C GLY A 21 7.65 -1.10 1.11
N GLY A 22 6.42 -1.39 0.68
CA GLY A 22 6.01 -1.10 -0.67
C GLY A 22 6.03 0.39 -0.98
N GLY A 1 6.65 3.87 1.42
CA GLY A 1 6.51 4.93 2.40
C GLY A 1 5.08 5.36 2.62
N HIS A 2 4.31 5.46 1.54
CA HIS A 2 2.91 5.87 1.64
C HIS A 2 2.02 4.68 1.99
N CYS A 3 2.60 3.49 2.01
CA CYS A 3 1.86 2.27 2.32
C CYS A 3 1.51 2.19 3.80
N SER A 4 1.99 3.14 4.58
CA SER A 4 1.67 3.18 6.00
C SER A 4 0.22 3.66 6.14
N ASP A 5 -0.22 4.36 5.11
CA ASP A 5 -1.58 4.89 5.02
C ASP A 5 -2.55 3.81 4.54
N PRO A 6 -3.62 3.55 5.32
CA PRO A 6 -4.62 2.54 4.97
C PRO A 6 -5.30 2.83 3.62
N ARG A 7 -5.41 4.12 3.29
CA ARG A 7 -6.03 4.52 2.03
C ARG A 7 -5.21 4.02 0.85
N PHE A 8 -3.92 4.31 0.86
CA PHE A 8 -3.02 3.88 -0.20
C PHE A 8 -3.04 2.37 -0.38
N ASN A 9 -3.18 1.64 0.72
CA ASN A 9 -3.22 0.18 0.67
C ASN A 9 -4.49 -0.32 -0.01
N TYR A 10 -5.62 0.29 0.33
CA TYR A 10 -6.89 -0.09 -0.24
C TYR A 10 -7.00 0.36 -1.69
N ASP A 11 -6.61 1.60 -1.94
CA ASP A 11 -6.67 2.20 -3.27
C ASP A 11 -5.66 1.55 -4.21
N HIS A 12 -4.61 0.97 -3.65
CA HIS A 12 -3.58 0.33 -4.44
C HIS A 12 -3.07 -0.95 -3.78
N PRO A 13 -3.80 -2.05 -3.99
CA PRO A 13 -3.45 -3.36 -3.43
C PRO A 13 -2.28 -4.03 -4.15
N GLU A 14 -1.99 -3.56 -5.36
CA GLU A 14 -0.90 -4.11 -6.15
C GLU A 14 0.45 -3.59 -5.65
N ILE A 15 0.47 -2.32 -5.25
CA ILE A 15 1.69 -1.69 -4.76
C ILE A 15 2.06 -2.23 -3.38
N CYS A 16 1.06 -2.36 -2.51
CA CYS A 16 1.29 -2.87 -1.16
C CYS A 16 0.10 -3.68 -0.68
N GLY A 17 -1.09 -3.08 -0.76
CA GLY A 17 -2.31 -3.76 -0.34
C GLY A 17 -2.26 -4.27 1.09
N GLY A 18 -1.63 -3.50 1.97
CA GLY A 18 -1.53 -3.91 3.36
C GLY A 18 -0.11 -3.89 3.87
N ALA A 19 0.80 -4.40 3.04
CA ALA A 19 2.21 -4.45 3.40
C ALA A 19 2.80 -3.05 3.47
N ALA A 20 3.41 -2.72 4.61
CA ALA A 20 4.01 -1.40 4.80
C ALA A 20 5.38 -1.30 4.13
N GLY A 21 5.45 -1.71 2.86
CA GLY A 21 6.70 -1.66 2.14
C GLY A 21 7.01 -0.25 1.65
N GLY A 22 6.05 0.35 0.97
CA GLY A 22 6.22 1.69 0.47
C GLY A 22 6.00 2.73 1.54
N GLY A 1 6.83 1.70 -0.54
CA GLY A 1 5.75 2.40 -1.19
C GLY A 1 5.10 3.42 -0.28
N HIS A 2 3.81 3.29 -0.08
CA HIS A 2 3.06 4.19 0.79
C HIS A 2 1.98 3.39 1.51
N CYS A 3 2.32 2.16 1.87
CA CYS A 3 1.39 1.28 2.56
C CYS A 3 0.97 1.85 3.91
N SER A 4 1.81 2.72 4.47
CA SER A 4 1.53 3.36 5.75
C SER A 4 0.46 4.44 5.60
N ASP A 5 -0.67 4.05 5.03
CA ASP A 5 -1.79 4.96 4.81
C ASP A 5 -3.04 4.14 4.48
N PRO A 6 -4.07 4.23 5.33
CA PRO A 6 -5.32 3.49 5.16
C PRO A 6 -5.96 3.73 3.79
N ARG A 7 -5.77 4.93 3.27
CA ARG A 7 -6.32 5.29 1.98
C ARG A 7 -5.59 4.53 0.88
N PHE A 8 -4.28 4.48 0.99
CA PHE A 8 -3.44 3.78 0.02
C PHE A 8 -3.74 2.29 0.03
N ASN A 9 -4.09 1.78 1.20
CA ASN A 9 -4.42 0.37 1.37
C ASN A 9 -5.63 -0.01 0.51
N TYR A 10 -6.50 0.97 0.29
CA TYR A 10 -7.71 0.75 -0.48
C TYR A 10 -7.52 1.09 -1.96
N ASP A 11 -6.89 2.23 -2.24
CA ASP A 11 -6.71 2.67 -3.63
C ASP A 11 -5.59 1.91 -4.35
N HIS A 12 -4.55 1.50 -3.62
CA HIS A 12 -3.44 0.78 -4.24
C HIS A 12 -2.89 -0.34 -3.34
N PRO A 13 -3.72 -1.33 -2.96
CA PRO A 13 -3.27 -2.46 -2.14
C PRO A 13 -2.21 -3.27 -2.88
N GLU A 14 -2.34 -3.25 -4.20
CA GLU A 14 -1.42 -3.92 -5.11
C GLU A 14 0.02 -3.51 -4.88
N ILE A 15 0.24 -2.19 -4.80
CA ILE A 15 1.57 -1.64 -4.58
C ILE A 15 2.15 -2.10 -3.25
N CYS A 16 1.31 -2.15 -2.22
CA CYS A 16 1.78 -2.59 -0.91
C CYS A 16 2.11 -4.08 -0.95
N GLY A 17 1.22 -4.86 -1.57
CA GLY A 17 1.43 -6.29 -1.68
C GLY A 17 2.67 -6.63 -2.48
N GLY A 18 2.85 -5.95 -3.60
CA GLY A 18 4.02 -6.20 -4.44
C GLY A 18 5.27 -5.50 -3.94
N ALA A 19 5.51 -5.58 -2.63
CA ALA A 19 6.67 -4.96 -2.01
C ALA A 19 6.81 -5.44 -0.57
N ALA A 20 5.70 -5.31 0.17
CA ALA A 20 5.64 -5.73 1.58
C ALA A 20 6.72 -5.05 2.43
N GLY A 21 7.08 -3.83 2.07
CA GLY A 21 8.09 -3.11 2.81
C GLY A 21 8.50 -1.81 2.15
N GLY A 22 7.53 -1.01 1.74
CA GLY A 22 7.83 0.26 1.11
C GLY A 22 6.62 0.92 0.51
N GLY A 1 5.89 1.48 1.01
CA GLY A 1 5.81 2.86 0.59
C GLY A 1 4.76 3.62 1.39
N HIS A 2 3.78 4.17 0.69
CA HIS A 2 2.70 4.92 1.33
C HIS A 2 1.67 3.96 1.96
N CYS A 3 2.09 2.71 2.15
CA CYS A 3 1.24 1.66 2.73
C CYS A 3 0.88 1.98 4.18
N SER A 4 1.67 2.83 4.81
CA SER A 4 1.40 3.22 6.20
C SER A 4 0.08 3.99 6.27
N ASP A 5 -0.33 4.53 5.14
CA ASP A 5 -1.58 5.28 5.03
C ASP A 5 -2.72 4.36 4.62
N PRO A 6 -3.81 4.34 5.41
CA PRO A 6 -4.98 3.50 5.15
C PRO A 6 -5.61 3.73 3.77
N ARG A 7 -5.57 4.97 3.29
CA ARG A 7 -6.16 5.28 1.99
C ARG A 7 -5.44 4.56 0.87
N PHE A 8 -4.11 4.63 0.88
CA PHE A 8 -3.30 3.99 -0.15
C PHE A 8 -3.55 2.48 -0.22
N ASN A 9 -3.72 1.85 0.94
CA ASN A 9 -3.96 0.42 1.01
C ASN A 9 -5.24 0.04 0.26
N TYR A 10 -6.25 0.89 0.38
CA TYR A 10 -7.53 0.66 -0.27
C TYR A 10 -7.44 1.03 -1.75
N ASP A 11 -6.78 2.15 -2.01
CA ASP A 11 -6.62 2.67 -3.37
C ASP A 11 -5.76 1.74 -4.22
N HIS A 12 -4.58 1.37 -3.72
CA HIS A 12 -3.68 0.50 -4.46
C HIS A 12 -3.06 -0.58 -3.60
N PRO A 13 -3.82 -1.65 -3.34
CA PRO A 13 -3.34 -2.78 -2.54
C PRO A 13 -2.31 -3.61 -3.30
N GLU A 14 -2.33 -3.49 -4.63
CA GLU A 14 -1.42 -4.23 -5.50
C GLU A 14 0.03 -3.80 -5.27
N ILE A 15 0.26 -2.49 -5.30
CA ILE A 15 1.60 -1.93 -5.13
C ILE A 15 2.21 -2.38 -3.80
N CYS A 16 1.44 -2.31 -2.73
CA CYS A 16 1.93 -2.70 -1.42
C CYS A 16 2.06 -4.22 -1.32
N GLY A 17 1.05 -4.94 -1.81
CA GLY A 17 1.06 -6.39 -1.77
C GLY A 17 0.83 -6.96 -0.39
N GLY A 18 1.59 -6.46 0.59
CA GLY A 18 1.46 -6.93 1.94
C GLY A 18 2.47 -6.27 2.87
N ALA A 19 3.65 -5.97 2.31
CA ALA A 19 4.71 -5.35 3.08
C ALA A 19 4.32 -3.92 3.46
N ALA A 20 4.30 -3.65 4.76
CA ALA A 20 3.96 -2.33 5.28
C ALA A 20 4.98 -1.29 4.87
N GLY A 21 6.26 -1.66 4.95
CA GLY A 21 7.33 -0.74 4.58
C GLY A 21 7.58 -0.70 3.08
N GLY A 22 6.52 -0.85 2.31
CA GLY A 22 6.64 -0.81 0.86
C GLY A 22 6.64 0.61 0.33
N GLY A 1 6.92 4.24 2.13
CA GLY A 1 6.17 5.18 1.33
C GLY A 1 4.82 5.53 1.90
N HIS A 2 3.83 5.65 1.03
CA HIS A 2 2.47 5.99 1.45
C HIS A 2 1.72 4.73 1.89
N CYS A 3 2.35 3.57 1.73
CA CYS A 3 1.74 2.30 2.10
C CYS A 3 1.42 2.23 3.59
N SER A 4 2.07 3.06 4.39
CA SER A 4 1.82 3.09 5.82
C SER A 4 0.38 3.52 6.08
N ASP A 5 -0.16 4.29 5.14
CA ASP A 5 -1.52 4.79 5.21
C ASP A 5 -2.49 3.73 4.64
N PRO A 6 -3.46 3.30 5.45
CA PRO A 6 -4.46 2.30 5.04
C PRO A 6 -5.22 2.71 3.78
N ARG A 7 -5.33 4.01 3.55
CA ARG A 7 -6.04 4.53 2.38
C ARG A 7 -5.31 4.10 1.11
N PHE A 8 -3.99 4.22 1.14
CA PHE A 8 -3.14 3.84 0.02
C PHE A 8 -3.19 2.33 -0.21
N ASN A 9 -3.45 1.60 0.85
CA ASN A 9 -3.54 0.14 0.79
C ASN A 9 -4.77 -0.27 -0.01
N TYR A 10 -5.83 0.49 0.15
CA TYR A 10 -7.09 0.23 -0.51
C TYR A 10 -7.06 0.64 -1.99
N ASP A 11 -6.52 1.82 -2.27
CA ASP A 11 -6.47 2.31 -3.65
C ASP A 11 -5.35 1.67 -4.44
N HIS A 12 -4.36 1.11 -3.74
CA HIS A 12 -3.22 0.47 -4.41
C HIS A 12 -2.84 -0.85 -3.74
N PRO A 13 -3.68 -1.89 -3.92
CA PRO A 13 -3.43 -3.21 -3.36
C PRO A 13 -2.23 -3.91 -4.00
N GLU A 14 -2.01 -3.63 -5.29
CA GLU A 14 -0.90 -4.23 -6.02
C GLU A 14 0.45 -3.68 -5.55
N ILE A 15 0.49 -2.41 -5.17
CA ILE A 15 1.72 -1.79 -4.70
C ILE A 15 2.15 -2.37 -3.35
N CYS A 16 1.17 -2.63 -2.49
CA CYS A 16 1.45 -3.20 -1.18
C CYS A 16 0.23 -3.90 -0.60
N GLY A 17 -0.93 -3.26 -0.70
CA GLY A 17 -2.15 -3.87 -0.20
C GLY A 17 -2.35 -3.72 1.30
N GLY A 18 -1.28 -3.73 2.08
CA GLY A 18 -1.43 -3.61 3.51
C GLY A 18 -0.14 -3.31 4.22
N ALA A 19 -0.05 -2.09 4.74
CA ALA A 19 1.09 -1.59 5.51
C ALA A 19 2.39 -1.54 4.70
N ALA A 20 3.00 -2.70 4.47
CA ALA A 20 4.27 -2.82 3.72
C ALA A 20 5.45 -2.23 4.49
N GLY A 21 5.27 -1.05 5.06
CA GLY A 21 6.32 -0.40 5.81
C GLY A 21 7.21 0.46 4.94
N GLY A 22 6.59 1.24 4.05
CA GLY A 22 7.35 2.11 3.18
C GLY A 22 6.47 2.99 2.32
N GLY A 1 6.95 0.37 0.84
CA GLY A 1 6.55 1.43 -0.07
C GLY A 1 5.92 2.60 0.65
N HIS A 2 4.60 2.59 0.76
CA HIS A 2 3.86 3.65 1.43
C HIS A 2 2.56 3.11 2.02
N CYS A 3 2.61 1.90 2.57
CA CYS A 3 1.42 1.27 3.17
C CYS A 3 1.05 1.93 4.51
N SER A 4 1.50 3.16 4.72
CA SER A 4 1.24 3.89 5.94
C SER A 4 -0.18 4.46 5.93
N ASP A 5 -0.58 5.00 4.78
CA ASP A 5 -1.90 5.59 4.63
C ASP A 5 -2.96 4.52 4.40
N PRO A 6 -4.04 4.54 5.21
CA PRO A 6 -5.14 3.57 5.11
C PRO A 6 -5.84 3.63 3.75
N ARG A 7 -5.98 4.84 3.22
CA ARG A 7 -6.63 5.03 1.93
C ARG A 7 -5.80 4.41 0.82
N PHE A 8 -4.51 4.73 0.82
CA PHE A 8 -3.58 4.21 -0.19
C PHE A 8 -3.61 2.69 -0.22
N ASN A 9 -3.69 2.08 0.96
CA ASN A 9 -3.72 0.62 1.06
C ASN A 9 -4.94 0.04 0.36
N TYR A 10 -6.07 0.71 0.51
CA TYR A 10 -7.31 0.27 -0.11
C TYR A 10 -7.35 0.64 -1.59
N ASP A 11 -6.89 1.84 -1.90
CA ASP A 11 -6.87 2.36 -3.27
C ASP A 11 -5.91 1.57 -4.15
N HIS A 12 -4.73 1.25 -3.62
CA HIS A 12 -3.73 0.51 -4.38
C HIS A 12 -3.13 -0.63 -3.56
N PRO A 13 -3.92 -1.68 -3.31
CA PRO A 13 -3.47 -2.85 -2.56
C PRO A 13 -2.36 -3.60 -3.30
N GLU A 14 -2.39 -3.53 -4.63
CA GLU A 14 -1.40 -4.19 -5.46
C GLU A 14 -0.02 -3.57 -5.23
N ILE A 15 0.01 -2.25 -5.07
CA ILE A 15 1.27 -1.55 -4.83
C ILE A 15 1.82 -1.92 -3.46
N CYS A 16 0.94 -1.96 -2.47
CA CYS A 16 1.34 -2.31 -1.11
C CYS A 16 1.87 -3.74 -1.08
N GLY A 17 1.14 -4.64 -1.74
CA GLY A 17 1.55 -6.04 -1.80
C GLY A 17 2.87 -6.21 -2.52
N GLY A 18 3.02 -5.52 -3.64
CA GLY A 18 4.25 -5.60 -4.42
C GLY A 18 5.43 -5.08 -3.64
N ALA A 19 5.19 -4.07 -2.80
CA ALA A 19 6.24 -3.47 -1.99
C ALA A 19 6.66 -4.39 -0.85
N ALA A 20 5.97 -5.53 -0.73
CA ALA A 20 6.25 -6.52 0.32
C ALA A 20 6.10 -5.92 1.71
N GLY A 21 4.99 -5.20 1.91
CA GLY A 21 4.75 -4.58 3.21
C GLY A 21 5.63 -3.37 3.43
N GLY A 22 5.76 -2.54 2.41
CA GLY A 22 6.57 -1.35 2.50
C GLY A 22 6.05 -0.26 1.59
N GLY A 1 6.83 1.95 1.02
CA GLY A 1 6.36 3.17 0.39
C GLY A 1 5.31 3.88 1.21
N HIS A 2 4.28 4.39 0.55
CA HIS A 2 3.18 5.08 1.23
C HIS A 2 2.18 4.07 1.78
N CYS A 3 2.67 2.85 2.00
CA CYS A 3 1.86 1.75 2.50
C CYS A 3 1.33 2.02 3.91
N SER A 4 1.98 2.94 4.63
CA SER A 4 1.56 3.30 5.98
C SER A 4 0.14 3.87 5.97
N ASP A 5 -0.24 4.41 4.81
CA ASP A 5 -1.57 4.98 4.61
C ASP A 5 -2.58 3.86 4.35
N PRO A 6 -3.53 3.65 5.28
CA PRO A 6 -4.55 2.61 5.15
C PRO A 6 -5.41 2.80 3.91
N ARG A 7 -5.60 4.05 3.53
CA ARG A 7 -6.37 4.41 2.35
C ARG A 7 -5.63 3.95 1.10
N PHE A 8 -4.30 4.10 1.13
CA PHE A 8 -3.44 3.71 0.02
C PHE A 8 -3.47 2.20 -0.18
N ASN A 9 -3.67 1.49 0.93
CA ASN A 9 -3.75 0.03 0.89
C ASN A 9 -4.95 -0.41 0.08
N TYR A 10 -5.99 0.41 0.10
CA TYR A 10 -7.23 0.13 -0.60
C TYR A 10 -7.19 0.57 -2.07
N ASP A 11 -6.70 1.78 -2.33
CA ASP A 11 -6.66 2.29 -3.70
C ASP A 11 -5.54 1.68 -4.52
N HIS A 12 -4.50 1.17 -3.84
CA HIS A 12 -3.37 0.57 -4.52
C HIS A 12 -2.84 -0.65 -3.79
N PRO A 13 -3.65 -1.71 -3.68
CA PRO A 13 -3.27 -2.96 -3.02
C PRO A 13 -2.15 -3.68 -3.76
N GLU A 14 -2.08 -3.46 -5.07
CA GLU A 14 -1.08 -4.09 -5.91
C GLU A 14 0.32 -3.56 -5.58
N ILE A 15 0.41 -2.28 -5.24
CA ILE A 15 1.69 -1.68 -4.91
C ILE A 15 2.24 -2.24 -3.61
N CYS A 16 1.42 -2.19 -2.55
CA CYS A 16 1.85 -2.72 -1.26
C CYS A 16 0.69 -2.73 -0.28
N GLY A 17 -0.47 -3.23 -0.73
CA GLY A 17 -1.63 -3.31 0.13
C GLY A 17 -1.42 -4.31 1.25
N GLY A 18 -1.00 -5.51 0.88
CA GLY A 18 -0.73 -6.53 1.87
C GLY A 18 0.64 -6.35 2.50
N ALA A 19 1.62 -6.11 1.65
CA ALA A 19 2.99 -5.87 2.10
C ALA A 19 3.18 -4.40 2.44
N ALA A 20 2.47 -3.95 3.46
CA ALA A 20 2.51 -2.55 3.90
C ALA A 20 3.87 -2.18 4.53
N GLY A 21 4.91 -2.16 3.71
CA GLY A 21 6.23 -1.81 4.20
C GLY A 21 7.21 -1.52 3.08
N GLY A 22 6.79 -0.67 2.14
CA GLY A 22 7.65 -0.33 1.02
C GLY A 22 7.18 0.90 0.28
N GLY A 1 6.81 3.59 -0.76
CA GLY A 1 6.74 3.24 0.64
C GLY A 1 5.70 4.04 1.41
N HIS A 2 4.46 4.03 0.92
CA HIS A 2 3.39 4.76 1.56
C HIS A 2 2.30 3.78 2.00
N CYS A 3 2.71 2.58 2.35
CA CYS A 3 1.79 1.53 2.79
C CYS A 3 1.19 1.87 4.16
N SER A 4 1.76 2.87 4.81
CA SER A 4 1.27 3.31 6.12
C SER A 4 -0.08 4.00 5.99
N ASP A 5 -0.39 4.47 4.79
CA ASP A 5 -1.64 5.18 4.53
C ASP A 5 -2.77 4.18 4.29
N PRO A 6 -3.81 4.20 5.13
CA PRO A 6 -4.96 3.31 5.01
C PRO A 6 -5.71 3.52 3.70
N ARG A 7 -5.74 4.76 3.24
CA ARG A 7 -6.41 5.12 2.01
C ARG A 7 -5.66 4.57 0.81
N PHE A 8 -4.34 4.68 0.86
CA PHE A 8 -3.46 4.21 -0.20
C PHE A 8 -3.64 2.70 -0.40
N ASN A 9 -3.72 1.97 0.71
CA ASN A 9 -3.90 0.52 0.65
C ASN A 9 -5.25 0.14 0.09
N TYR A 10 -6.24 1.00 0.33
CA TYR A 10 -7.58 0.75 -0.17
C TYR A 10 -7.66 0.97 -1.67
N ASP A 11 -7.08 2.08 -2.12
CA ASP A 11 -7.10 2.44 -3.54
C ASP A 11 -6.15 1.56 -4.35
N HIS A 12 -4.98 1.26 -3.80
CA HIS A 12 -4.00 0.43 -4.51
C HIS A 12 -3.29 -0.56 -3.59
N PRO A 13 -4.00 -1.61 -3.14
CA PRO A 13 -3.42 -2.64 -2.27
C PRO A 13 -2.30 -3.38 -2.98
N GLU A 14 -2.41 -3.42 -4.30
CA GLU A 14 -1.46 -4.06 -5.19
C GLU A 14 -0.04 -3.55 -4.96
N ILE A 15 0.11 -2.25 -4.75
CA ILE A 15 1.40 -1.63 -4.55
C ILE A 15 2.12 -2.18 -3.32
N CYS A 16 1.43 -2.25 -2.19
CA CYS A 16 2.02 -2.77 -0.97
C CYS A 16 2.09 -4.29 -1.02
N GLY A 17 1.06 -4.90 -1.60
CA GLY A 17 0.98 -6.35 -1.69
C GLY A 17 2.10 -6.97 -2.51
N GLY A 18 2.39 -6.39 -3.67
CA GLY A 18 3.44 -6.95 -4.52
C GLY A 18 3.82 -6.05 -5.67
N ALA A 19 4.36 -4.88 -5.35
CA ALA A 19 4.78 -3.94 -6.38
C ALA A 19 5.90 -3.03 -5.86
N ALA A 20 5.73 -2.56 -4.62
CA ALA A 20 6.71 -1.70 -3.97
C ALA A 20 6.92 -0.40 -4.76
N GLY A 21 5.83 0.11 -5.32
CA GLY A 21 5.90 1.34 -6.10
C GLY A 21 6.22 2.55 -5.24
N GLY A 22 5.82 2.49 -3.97
CA GLY A 22 6.08 3.59 -3.06
C GLY A 22 5.89 3.17 -1.63
N GLY A 1 5.94 3.47 -2.01
CA GLY A 1 4.52 3.69 -2.03
C GLY A 1 4.05 4.59 -0.91
N HIS A 2 2.94 4.20 -0.28
CA HIS A 2 2.34 4.98 0.80
C HIS A 2 1.45 4.05 1.63
N CYS A 3 1.89 2.81 1.77
CA CYS A 3 1.17 1.77 2.51
C CYS A 3 0.99 2.13 3.99
N SER A 4 1.77 3.06 4.49
CA SER A 4 1.69 3.49 5.88
C SER A 4 0.30 4.08 6.14
N ASP A 5 -0.29 4.62 5.08
CA ASP A 5 -1.61 5.22 5.12
C ASP A 5 -2.67 4.22 4.67
N PRO A 6 -3.69 3.97 5.51
CA PRO A 6 -4.77 3.04 5.21
C PRO A 6 -5.51 3.39 3.93
N ARG A 7 -5.53 4.68 3.59
CA ARG A 7 -6.19 5.15 2.38
C ARG A 7 -5.53 4.59 1.14
N PHE A 8 -4.20 4.64 1.11
CA PHE A 8 -3.44 4.15 -0.03
C PHE A 8 -3.59 2.64 -0.17
N ASN A 9 -3.72 1.95 0.96
CA ASN A 9 -3.89 0.50 0.95
C ASN A 9 -5.15 0.10 0.19
N TYR A 10 -6.16 0.95 0.30
CA TYR A 10 -7.42 0.72 -0.40
C TYR A 10 -7.30 1.17 -1.86
N ASP A 11 -6.64 2.30 -2.06
CA ASP A 11 -6.43 2.89 -3.38
C ASP A 11 -5.59 1.98 -4.27
N HIS A 12 -4.43 1.57 -3.77
CA HIS A 12 -3.53 0.71 -4.55
C HIS A 12 -2.96 -0.42 -3.71
N PRO A 13 -3.77 -1.43 -3.40
CA PRO A 13 -3.34 -2.60 -2.61
C PRO A 13 -2.32 -3.42 -3.37
N GLU A 14 -2.20 -3.14 -4.66
CA GLU A 14 -1.27 -3.83 -5.55
C GLU A 14 0.19 -3.69 -5.07
N ILE A 15 0.59 -2.46 -4.77
CA ILE A 15 1.94 -2.17 -4.32
C ILE A 15 2.22 -2.83 -2.97
N CYS A 16 1.33 -2.63 -2.02
CA CYS A 16 1.48 -3.18 -0.69
C CYS A 16 1.35 -4.71 -0.70
N GLY A 17 0.56 -5.22 -1.64
CA GLY A 17 0.34 -6.65 -1.75
C GLY A 17 1.54 -7.41 -2.27
N GLY A 18 2.16 -6.91 -3.35
CA GLY A 18 3.31 -7.60 -3.90
C GLY A 18 4.12 -6.75 -4.85
N ALA A 19 4.44 -5.54 -4.42
CA ALA A 19 5.25 -4.62 -5.22
C ALA A 19 6.04 -3.70 -4.31
N ALA A 20 6.73 -4.31 -3.35
CA ALA A 20 7.54 -3.58 -2.39
C ALA A 20 8.68 -2.83 -3.08
N GLY A 21 8.80 -1.55 -2.76
CA GLY A 21 9.83 -0.72 -3.34
C GLY A 21 9.61 0.73 -3.00
N GLY A 22 8.37 1.17 -3.15
CA GLY A 22 8.01 2.54 -2.86
C GLY A 22 6.52 2.73 -2.94
N GLY A 1 7.82 2.28 1.11
CA GLY A 1 7.12 3.12 0.16
C GLY A 1 6.39 4.25 0.84
N HIS A 2 5.06 4.19 0.80
CA HIS A 2 4.22 5.19 1.44
C HIS A 2 2.92 4.53 1.86
N CYS A 3 3.00 3.24 2.16
CA CYS A 3 1.84 2.46 2.57
C CYS A 3 1.50 2.69 4.04
N SER A 4 1.78 3.89 4.52
CA SER A 4 1.49 4.25 5.90
C SER A 4 0.00 4.58 6.00
N ASP A 5 -0.52 5.15 4.93
CA ASP A 5 -1.92 5.51 4.83
C ASP A 5 -2.76 4.26 4.64
N PRO A 6 -3.74 4.01 5.53
CA PRO A 6 -4.61 2.82 5.48
C PRO A 6 -5.38 2.73 4.16
N ARG A 7 -5.85 3.86 3.67
CA ARG A 7 -6.58 3.92 2.43
C ARG A 7 -5.66 3.60 1.25
N PHE A 8 -4.44 4.11 1.28
CA PHE A 8 -3.46 3.89 0.22
C PHE A 8 -3.25 2.39 -0.04
N ASN A 9 -3.19 1.62 1.04
CA ASN A 9 -2.99 0.17 0.95
C ASN A 9 -4.12 -0.47 0.13
N TYR A 10 -5.34 -0.03 0.39
CA TYR A 10 -6.51 -0.55 -0.33
C TYR A 10 -6.61 0.08 -1.72
N ASP A 11 -6.26 1.37 -1.79
CA ASP A 11 -6.31 2.15 -3.03
C ASP A 11 -5.41 1.52 -4.10
N HIS A 12 -4.27 1.01 -3.68
CA HIS A 12 -3.33 0.38 -4.60
C HIS A 12 -2.85 -0.96 -4.10
N PRO A 13 -3.68 -2.00 -4.31
CA PRO A 13 -3.35 -3.37 -3.89
C PRO A 13 -2.12 -3.91 -4.63
N GLU A 14 -1.87 -3.38 -5.82
CA GLU A 14 -0.73 -3.80 -6.62
C GLU A 14 0.58 -3.39 -5.94
N ILE A 15 0.54 -2.25 -5.27
CA ILE A 15 1.71 -1.73 -4.57
C ILE A 15 1.84 -2.36 -3.19
N CYS A 16 0.74 -2.35 -2.44
CA CYS A 16 0.73 -2.91 -1.09
C CYS A 16 -0.69 -3.08 -0.57
N GLY A 17 -1.44 -3.97 -1.19
CA GLY A 17 -2.82 -4.22 -0.78
C GLY A 17 -2.93 -4.97 0.53
N GLY A 18 -2.32 -4.43 1.58
CA GLY A 18 -2.38 -5.07 2.88
C GLY A 18 -1.22 -4.67 3.76
N ALA A 19 -0.02 -4.75 3.21
CA ALA A 19 1.20 -4.41 3.94
C ALA A 19 2.38 -4.34 2.98
N ALA A 20 3.48 -3.76 3.46
CA ALA A 20 4.70 -3.63 2.66
C ALA A 20 5.88 -3.26 3.54
N GLY A 21 5.66 -2.32 4.45
CA GLY A 21 6.71 -1.88 5.34
C GLY A 21 7.68 -0.94 4.65
N GLY A 22 7.16 -0.14 3.74
CA GLY A 22 7.99 0.81 3.02
C GLY A 22 7.17 1.65 2.08
N GLY A 1 6.85 1.35 -1.10
CA GLY A 1 5.82 2.30 -1.45
C GLY A 1 5.56 3.29 -0.34
N HIS A 2 4.29 3.51 -0.04
CA HIS A 2 3.88 4.44 1.02
C HIS A 2 2.55 4.02 1.60
N CYS A 3 2.41 2.72 1.83
CA CYS A 3 1.18 2.16 2.38
C CYS A 3 1.08 2.38 3.89
N SER A 4 1.45 3.57 4.34
CA SER A 4 1.37 3.92 5.74
C SER A 4 -0.06 4.33 6.08
N ASP A 5 -0.69 5.03 5.15
CA ASP A 5 -2.06 5.49 5.32
C ASP A 5 -3.03 4.38 4.90
N PRO A 6 -4.08 4.15 5.70
CA PRO A 6 -5.09 3.12 5.44
C PRO A 6 -5.76 3.25 4.06
N ARG A 7 -5.92 4.48 3.59
CA ARG A 7 -6.55 4.72 2.29
C ARG A 7 -5.67 4.21 1.17
N PHE A 8 -4.40 4.60 1.19
CA PHE A 8 -3.43 4.20 0.17
C PHE A 8 -3.42 2.67 -0.01
N ASN A 9 -3.59 1.95 1.10
CA ASN A 9 -3.61 0.49 1.09
C ASN A 9 -4.76 -0.03 0.24
N TYR A 10 -5.89 0.66 0.30
CA TYR A 10 -7.06 0.29 -0.46
C TYR A 10 -6.98 0.84 -1.89
N ASP A 11 -6.48 2.06 -1.99
CA ASP A 11 -6.33 2.74 -3.28
C ASP A 11 -5.36 2.01 -4.18
N HIS A 12 -4.34 1.40 -3.59
CA HIS A 12 -3.32 0.69 -4.36
C HIS A 12 -2.92 -0.62 -3.67
N PRO A 13 -3.82 -1.61 -3.67
CA PRO A 13 -3.57 -2.91 -3.05
C PRO A 13 -2.46 -3.68 -3.77
N GLU A 14 -2.27 -3.40 -5.06
CA GLU A 14 -1.24 -4.07 -5.83
C GLU A 14 0.15 -3.69 -5.33
N ILE A 15 0.31 -2.43 -4.96
CA ILE A 15 1.59 -1.93 -4.46
C ILE A 15 1.83 -2.45 -3.05
N CYS A 16 0.82 -2.32 -2.20
CA CYS A 16 0.91 -2.74 -0.81
C CYS A 16 1.04 -4.25 -0.69
N GLY A 17 0.33 -4.98 -1.51
CA GLY A 17 0.38 -6.43 -1.46
C GLY A 17 1.55 -7.03 -2.21
N GLY A 18 1.83 -6.50 -3.41
CA GLY A 18 2.91 -7.03 -4.23
C GLY A 18 4.29 -6.60 -3.76
N ALA A 19 4.47 -5.29 -3.59
CA ALA A 19 5.76 -4.78 -3.16
C ALA A 19 5.88 -4.72 -1.64
N ALA A 20 4.85 -4.15 -1.01
CA ALA A 20 4.78 -3.99 0.44
C ALA A 20 5.87 -3.05 0.96
N GLY A 21 7.10 -3.54 1.00
CA GLY A 21 8.22 -2.72 1.45
C GLY A 21 8.82 -1.90 0.33
N GLY A 22 7.96 -1.23 -0.43
CA GLY A 22 8.42 -0.43 -1.53
C GLY A 22 7.35 0.53 -2.01
N GLY A 1 6.88 1.50 -0.17
CA GLY A 1 5.98 2.45 -0.80
C GLY A 1 5.54 3.53 0.17
N HIS A 2 4.24 3.62 0.39
CA HIS A 2 3.68 4.59 1.30
C HIS A 2 2.37 4.05 1.84
N CYS A 3 2.36 2.74 2.10
CA CYS A 3 1.18 2.06 2.59
C CYS A 3 0.95 2.31 4.09
N SER A 4 1.39 3.46 4.55
CA SER A 4 1.20 3.85 5.93
C SER A 4 -0.24 4.31 6.10
N ASP A 5 -0.71 5.02 5.07
CA ASP A 5 -2.06 5.53 5.04
C ASP A 5 -3.01 4.37 4.79
N PRO A 6 -4.05 4.21 5.61
CA PRO A 6 -5.05 3.15 5.42
C PRO A 6 -5.72 3.30 4.06
N ARG A 7 -5.76 4.56 3.62
CA ARG A 7 -6.34 4.93 2.34
C ARG A 7 -5.54 4.36 1.17
N PHE A 8 -4.21 4.57 1.18
CA PHE A 8 -3.34 4.09 0.10
C PHE A 8 -3.43 2.58 -0.05
N ASN A 9 -3.58 1.87 1.06
CA ASN A 9 -3.69 0.42 1.04
C ASN A 9 -4.91 -0.01 0.23
N TYR A 10 -5.96 0.81 0.29
CA TYR A 10 -7.18 0.53 -0.44
C TYR A 10 -7.05 1.02 -1.89
N ASP A 11 -6.48 2.21 -2.06
CA ASP A 11 -6.30 2.81 -3.38
C ASP A 11 -5.39 1.96 -4.26
N HIS A 12 -4.39 1.34 -3.65
CA HIS A 12 -3.43 0.54 -4.38
C HIS A 12 -3.02 -0.71 -3.62
N PRO A 13 -3.92 -1.71 -3.55
CA PRO A 13 -3.66 -2.96 -2.87
C PRO A 13 -2.54 -3.76 -3.53
N GLU A 14 -2.46 -3.66 -4.86
CA GLU A 14 -1.43 -4.39 -5.60
C GLU A 14 -0.03 -3.87 -5.28
N ILE A 15 0.10 -2.55 -5.14
CA ILE A 15 1.40 -1.95 -4.81
C ILE A 15 1.82 -2.39 -3.40
N CYS A 16 0.91 -2.28 -2.46
CA CYS A 16 1.18 -2.66 -1.07
C CYS A 16 1.45 -4.17 -0.96
N GLY A 17 0.66 -4.96 -1.67
CA GLY A 17 0.84 -6.40 -1.64
C GLY A 17 2.15 -6.83 -2.27
N GLY A 18 2.49 -6.21 -3.40
CA GLY A 18 3.73 -6.55 -4.09
C GLY A 18 4.96 -6.15 -3.31
N ALA A 19 4.94 -4.95 -2.75
CA ALA A 19 6.06 -4.46 -1.96
C ALA A 19 6.20 -5.21 -0.64
N ALA A 20 5.05 -5.41 0.01
CA ALA A 20 4.98 -6.11 1.29
C ALA A 20 5.88 -5.48 2.36
N GLY A 21 6.15 -4.19 2.22
CA GLY A 21 6.99 -3.50 3.18
C GLY A 21 7.69 -2.30 2.60
N GLY A 22 6.92 -1.40 1.98
CA GLY A 22 7.51 -0.21 1.41
C GLY A 22 6.47 0.73 0.83
N GLY A 1 6.07 1.76 -0.36
CA GLY A 1 5.36 2.98 -0.71
C GLY A 1 4.66 3.59 0.49
N HIS A 2 3.58 4.30 0.24
CA HIS A 2 2.81 4.94 1.29
C HIS A 2 1.87 3.94 1.97
N CYS A 3 2.39 2.75 2.25
CA CYS A 3 1.61 1.68 2.89
C CYS A 3 1.17 2.08 4.30
N SER A 4 1.81 3.10 4.85
CA SER A 4 1.48 3.60 6.17
C SER A 4 0.09 4.24 6.17
N ASP A 5 -0.35 4.68 4.99
CA ASP A 5 -1.66 5.30 4.83
C ASP A 5 -2.71 4.23 4.58
N PRO A 6 -3.75 4.17 5.43
CA PRO A 6 -4.83 3.19 5.29
C PRO A 6 -5.55 3.30 3.94
N ARG A 7 -5.61 4.51 3.41
CA ARG A 7 -6.27 4.76 2.14
C ARG A 7 -5.47 4.17 0.98
N PHE A 8 -4.17 4.46 0.96
CA PHE A 8 -3.29 3.99 -0.11
C PHE A 8 -3.37 2.47 -0.27
N ASN A 9 -3.48 1.76 0.85
CA ASN A 9 -3.57 0.30 0.81
C ASN A 9 -4.83 -0.16 0.08
N TYR A 10 -5.89 0.62 0.19
CA TYR A 10 -7.15 0.31 -0.48
C TYR A 10 -7.13 0.83 -1.92
N ASP A 11 -6.64 2.05 -2.07
CA ASP A 11 -6.56 2.70 -3.38
C ASP A 11 -5.64 1.94 -4.33
N HIS A 12 -4.57 1.39 -3.78
CA HIS A 12 -3.60 0.64 -4.57
C HIS A 12 -3.05 -0.56 -3.80
N PRO A 13 -3.88 -1.60 -3.63
CA PRO A 13 -3.50 -2.81 -2.90
C PRO A 13 -2.43 -3.61 -3.64
N GLU A 14 -2.36 -3.46 -4.95
CA GLU A 14 -1.38 -4.17 -5.77
C GLU A 14 0.04 -3.70 -5.48
N ILE A 15 0.19 -2.42 -5.13
CA ILE A 15 1.50 -1.86 -4.86
C ILE A 15 2.05 -2.32 -3.51
N CYS A 16 1.27 -2.14 -2.46
CA CYS A 16 1.71 -2.54 -1.12
C CYS A 16 1.55 -4.04 -0.87
N GLY A 17 0.50 -4.63 -1.42
CA GLY A 17 0.26 -6.06 -1.25
C GLY A 17 -0.23 -6.41 0.13
N GLY A 18 0.51 -6.00 1.14
CA GLY A 18 0.16 -6.28 2.52
C GLY A 18 1.24 -5.83 3.47
N ALA A 19 2.49 -6.05 3.07
CA ALA A 19 3.64 -5.69 3.89
C ALA A 19 4.87 -5.53 3.01
N ALA A 20 5.69 -4.53 3.33
CA ALA A 20 6.93 -4.24 2.60
C ALA A 20 6.65 -3.92 1.14
N GLY A 21 5.57 -3.19 0.89
CA GLY A 21 5.20 -2.81 -0.46
C GLY A 21 6.17 -1.81 -1.07
N GLY A 22 6.76 -0.98 -0.21
CA GLY A 22 7.71 0.02 -0.68
C GLY A 22 7.02 1.28 -1.15
N GLY A 1 5.05 1.82 -1.05
CA GLY A 1 5.09 3.27 -0.91
C GLY A 1 4.43 3.75 0.37
N HIS A 2 3.44 4.61 0.22
CA HIS A 2 2.71 5.18 1.35
C HIS A 2 1.76 4.15 1.98
N CYS A 3 2.25 2.94 2.18
CA CYS A 3 1.46 1.86 2.77
C CYS A 3 1.10 2.14 4.22
N SER A 4 1.75 3.14 4.81
CA SER A 4 1.49 3.53 6.18
C SER A 4 0.10 4.16 6.27
N ASP A 5 -0.37 4.67 5.14
CA ASP A 5 -1.68 5.29 5.04
C ASP A 5 -2.70 4.23 4.63
N PRO A 6 -3.74 4.03 5.47
CA PRO A 6 -4.79 3.03 5.21
C PRO A 6 -5.49 3.26 3.87
N ARG A 7 -5.55 4.51 3.44
CA ARG A 7 -6.20 4.85 2.18
C ARG A 7 -5.40 4.30 1.00
N PHE A 8 -4.09 4.55 1.01
CA PHE A 8 -3.21 4.09 -0.06
C PHE A 8 -3.28 2.57 -0.23
N ASN A 9 -3.48 1.87 0.88
CA ASN A 9 -3.59 0.41 0.86
C ASN A 9 -4.82 -0.02 0.07
N TYR A 10 -5.89 0.75 0.21
CA TYR A 10 -7.13 0.47 -0.51
C TYR A 10 -7.03 0.96 -1.95
N ASP A 11 -6.50 2.17 -2.11
CA ASP A 11 -6.33 2.80 -3.41
C ASP A 11 -5.37 1.98 -4.29
N HIS A 12 -4.41 1.33 -3.65
CA HIS A 12 -3.43 0.54 -4.36
C HIS A 12 -3.09 -0.75 -3.61
N PRO A 13 -4.00 -1.73 -3.67
CA PRO A 13 -3.82 -3.03 -3.01
C PRO A 13 -2.69 -3.84 -3.65
N GLU A 14 -2.43 -3.63 -4.93
CA GLU A 14 -1.39 -4.36 -5.62
C GLU A 14 0.00 -3.89 -5.19
N ILE A 15 0.20 -2.59 -5.13
CA ILE A 15 1.49 -2.02 -4.74
C ILE A 15 1.88 -2.43 -3.33
N CYS A 16 1.02 -2.15 -2.37
CA CYS A 16 1.29 -2.48 -0.98
C CYS A 16 1.18 -3.98 -0.73
N GLY A 17 0.28 -4.64 -1.45
CA GLY A 17 0.11 -6.08 -1.30
C GLY A 17 1.35 -6.83 -1.70
N GLY A 18 2.00 -6.37 -2.77
CA GLY A 18 3.21 -7.02 -3.24
C GLY A 18 4.38 -6.78 -2.31
N ALA A 19 4.30 -5.70 -1.52
CA ALA A 19 5.33 -5.29 -0.56
C ALA A 19 6.58 -4.75 -1.26
N ALA A 20 7.08 -5.48 -2.24
CA ALA A 20 8.24 -5.06 -2.98
C ALA A 20 7.91 -3.85 -3.85
N GLY A 21 8.59 -2.74 -3.61
CA GLY A 21 8.35 -1.53 -4.35
C GLY A 21 7.03 -0.88 -3.96
N GLY A 22 6.75 -0.87 -2.67
CA GLY A 22 5.53 -0.26 -2.17
C GLY A 22 5.61 1.25 -2.10
N GLY A 1 7.08 1.43 -1.10
CA GLY A 1 5.89 2.22 -1.31
C GLY A 1 5.67 3.23 -0.19
N HIS A 2 4.43 3.36 0.24
CA HIS A 2 4.10 4.28 1.32
C HIS A 2 2.73 3.90 1.88
N CYS A 3 2.50 2.61 2.03
CA CYS A 3 1.24 2.08 2.53
C CYS A 3 1.07 2.31 4.03
N SER A 4 1.38 3.52 4.47
CA SER A 4 1.24 3.88 5.87
C SER A 4 -0.19 4.33 6.13
N ASP A 5 -0.74 5.05 5.16
CA ASP A 5 -2.11 5.54 5.26
C ASP A 5 -3.10 4.45 4.86
N PRO A 6 -4.20 4.31 5.61
CA PRO A 6 -5.23 3.30 5.35
C PRO A 6 -5.85 3.41 3.95
N ARG A 7 -5.93 4.64 3.44
CA ARG A 7 -6.51 4.88 2.12
C ARG A 7 -5.64 4.30 1.02
N PHE A 8 -4.35 4.62 1.05
CA PHE A 8 -3.39 4.15 0.05
C PHE A 8 -3.42 2.62 -0.05
N ASN A 9 -3.61 1.96 1.09
CA ASN A 9 -3.67 0.51 1.14
C ASN A 9 -4.90 -0.01 0.40
N TYR A 10 -5.94 0.81 0.36
CA TYR A 10 -7.19 0.44 -0.29
C TYR A 10 -7.20 0.84 -1.77
N ASP A 11 -6.71 2.05 -2.08
CA ASP A 11 -6.71 2.54 -3.45
C ASP A 11 -5.62 1.86 -4.29
N HIS A 12 -4.57 1.38 -3.64
CA HIS A 12 -3.48 0.71 -4.35
C HIS A 12 -2.97 -0.50 -3.58
N PRO A 13 -3.83 -1.51 -3.39
CA PRO A 13 -3.47 -2.75 -2.68
C PRO A 13 -2.43 -3.57 -3.44
N GLU A 14 -2.42 -3.44 -4.76
CA GLU A 14 -1.49 -4.17 -5.59
C GLU A 14 -0.05 -3.74 -5.30
N ILE A 15 0.14 -2.45 -5.03
CA ILE A 15 1.46 -1.93 -4.72
C ILE A 15 1.93 -2.47 -3.37
N CYS A 16 1.05 -2.38 -2.39
CA CYS A 16 1.35 -2.85 -1.03
C CYS A 16 1.59 -4.36 -1.01
N GLY A 17 0.75 -5.09 -1.74
CA GLY A 17 0.87 -6.54 -1.79
C GLY A 17 2.09 -7.00 -2.57
N GLY A 18 2.35 -6.34 -3.69
CA GLY A 18 3.47 -6.70 -4.52
C GLY A 18 4.81 -6.35 -3.88
N ALA A 19 4.90 -5.14 -3.33
CA ALA A 19 6.11 -4.64 -2.68
C ALA A 19 7.32 -4.75 -3.60
N ALA A 20 7.09 -4.47 -4.88
CA ALA A 20 8.16 -4.51 -5.89
C ALA A 20 9.27 -3.53 -5.59
N GLY A 21 8.91 -2.40 -5.01
CA GLY A 21 9.89 -1.38 -4.67
C GLY A 21 9.42 -0.55 -3.50
N GLY A 22 8.93 -1.22 -2.47
CA GLY A 22 8.45 -0.54 -1.29
C GLY A 22 7.16 0.20 -1.56
N GLY A 1 6.71 2.68 0.10
CA GLY A 1 6.48 3.95 -0.57
C GLY A 1 5.49 4.82 0.18
N HIS A 2 4.35 4.25 0.56
CA HIS A 2 3.33 5.01 1.28
C HIS A 2 2.27 4.06 1.83
N CYS A 3 2.69 2.87 2.22
CA CYS A 3 1.76 1.86 2.78
C CYS A 3 1.22 2.28 4.14
N SER A 4 1.83 3.32 4.72
CA SER A 4 1.41 3.83 6.01
C SER A 4 0.00 4.43 5.90
N ASP A 5 -0.35 4.85 4.69
CA ASP A 5 -1.67 5.41 4.41
C ASP A 5 -2.72 4.30 4.38
N PRO A 6 -3.66 4.29 5.32
CA PRO A 6 -4.71 3.27 5.40
C PRO A 6 -5.58 3.26 4.14
N ARG A 7 -5.80 4.45 3.60
CA ARG A 7 -6.60 4.64 2.40
C ARG A 7 -5.83 4.14 1.18
N PHE A 8 -4.53 4.45 1.13
CA PHE A 8 -3.67 4.05 0.02
C PHE A 8 -3.65 2.53 -0.16
N ASN A 9 -3.70 1.80 0.95
CA ASN A 9 -3.69 0.34 0.89
C ASN A 9 -4.89 -0.17 0.11
N TYR A 10 -6.02 0.52 0.26
CA TYR A 10 -7.24 0.18 -0.47
C TYR A 10 -7.18 0.79 -1.87
N ASP A 11 -6.61 1.98 -1.93
CA ASP A 11 -6.45 2.74 -3.18
C ASP A 11 -5.64 1.96 -4.20
N HIS A 12 -4.50 1.44 -3.76
CA HIS A 12 -3.63 0.66 -4.63
C HIS A 12 -3.03 -0.54 -3.91
N PRO A 13 -3.86 -1.57 -3.67
CA PRO A 13 -3.42 -2.80 -2.98
C PRO A 13 -2.41 -3.57 -3.82
N GLU A 14 -2.23 -3.13 -5.05
CA GLU A 14 -1.30 -3.75 -5.98
C GLU A 14 0.14 -3.59 -5.48
N ILE A 15 0.45 -2.42 -4.95
CA ILE A 15 1.79 -2.13 -4.46
C ILE A 15 2.05 -2.73 -3.08
N CYS A 16 1.25 -2.34 -2.10
CA CYS A 16 1.41 -2.82 -0.73
C CYS A 16 0.74 -4.17 -0.50
N GLY A 17 0.38 -4.86 -1.59
CA GLY A 17 -0.27 -6.14 -1.47
C GLY A 17 0.72 -7.29 -1.31
N GLY A 18 1.76 -7.29 -2.14
CA GLY A 18 2.76 -8.34 -2.07
C GLY A 18 4.14 -7.84 -2.38
N ALA A 19 4.47 -6.67 -1.84
CA ALA A 19 5.78 -6.06 -2.04
C ALA A 19 5.95 -4.90 -1.07
N ALA A 20 4.95 -4.03 -1.04
CA ALA A 20 4.92 -2.85 -0.17
C ALA A 20 5.95 -1.81 -0.59
N GLY A 21 7.22 -2.16 -0.51
CA GLY A 21 8.29 -1.24 -0.87
C GLY A 21 8.52 -0.17 0.18
N GLY A 22 7.44 0.22 0.85
CA GLY A 22 7.52 1.25 1.86
C GLY A 22 7.34 2.63 1.27
N GLY A 1 6.51 1.55 1.80
CA GLY A 1 6.18 2.73 1.02
C GLY A 1 5.05 3.53 1.63
N HIS A 2 4.08 3.91 0.81
CA HIS A 2 2.92 4.67 1.28
C HIS A 2 1.91 3.73 1.95
N CYS A 3 2.38 2.56 2.36
CA CYS A 3 1.53 1.56 3.00
C CYS A 3 1.05 2.02 4.37
N SER A 4 1.71 3.03 4.93
CA SER A 4 1.33 3.56 6.23
C SER A 4 -0.01 4.29 6.13
N ASP A 5 -0.38 4.64 4.90
CA ASP A 5 -1.63 5.34 4.64
C ASP A 5 -2.77 4.34 4.44
N PRO A 6 -3.81 4.41 5.27
CA PRO A 6 -4.97 3.51 5.17
C PRO A 6 -5.67 3.62 3.82
N ARG A 7 -5.64 4.82 3.24
CA ARG A 7 -6.27 5.08 1.96
C ARG A 7 -5.53 4.39 0.83
N PHE A 8 -4.20 4.50 0.86
CA PHE A 8 -3.36 3.90 -0.17
C PHE A 8 -3.54 2.39 -0.24
N ASN A 9 -3.70 1.77 0.92
CA ASN A 9 -3.90 0.33 0.99
C ASN A 9 -5.24 -0.06 0.38
N TYR A 10 -6.15 0.89 0.32
CA TYR A 10 -7.47 0.64 -0.23
C TYR A 10 -7.51 0.95 -1.73
N ASP A 11 -6.92 2.06 -2.14
CA ASP A 11 -6.95 2.46 -3.55
C ASP A 11 -5.89 1.72 -4.37
N HIS A 12 -4.76 1.38 -3.75
CA HIS A 12 -3.69 0.65 -4.46
C HIS A 12 -3.07 -0.45 -3.60
N PRO A 13 -3.86 -1.44 -3.15
CA PRO A 13 -3.34 -2.55 -2.34
C PRO A 13 -2.35 -3.39 -3.14
N GLU A 14 -2.50 -3.30 -4.46
CA GLU A 14 -1.68 -4.00 -5.42
C GLU A 14 -0.18 -3.69 -5.23
N ILE A 15 0.13 -2.42 -5.02
CA ILE A 15 1.51 -2.00 -4.85
C ILE A 15 2.12 -2.55 -3.57
N CYS A 16 1.52 -2.25 -2.44
CA CYS A 16 2.02 -2.72 -1.15
C CYS A 16 1.99 -4.24 -1.05
N GLY A 17 0.97 -4.84 -1.63
CA GLY A 17 0.85 -6.29 -1.60
C GLY A 17 1.89 -6.98 -2.47
N GLY A 18 2.14 -6.42 -3.65
CA GLY A 18 3.11 -6.99 -4.56
C GLY A 18 4.55 -6.75 -4.13
N ALA A 19 4.88 -5.48 -3.89
CA ALA A 19 6.23 -5.10 -3.49
C ALA A 19 6.28 -3.64 -3.07
N ALA A 20 6.74 -3.40 -1.84
CA ALA A 20 6.85 -2.04 -1.32
C ALA A 20 7.74 -2.02 -0.07
N GLY A 21 7.48 -2.96 0.83
CA GLY A 21 8.26 -3.05 2.05
C GLY A 21 7.86 -2.00 3.08
N GLY A 22 7.92 -0.74 2.69
CA GLY A 22 7.57 0.34 3.59
C GLY A 22 7.31 1.63 2.86
N GLY A 1 7.77 1.19 0.50
CA GLY A 1 6.74 1.92 -0.22
C GLY A 1 6.29 3.15 0.54
N HIS A 2 4.98 3.26 0.75
CA HIS A 2 4.41 4.38 1.48
C HIS A 2 2.99 4.04 1.90
N CYS A 3 2.74 2.76 2.13
CA CYS A 3 1.41 2.28 2.51
C CYS A 3 1.14 2.48 4.00
N SER A 4 1.49 3.65 4.52
CA SER A 4 1.25 3.96 5.92
C SER A 4 -0.21 4.39 6.08
N ASP A 5 -0.72 5.04 5.04
CA ASP A 5 -2.09 5.51 5.01
C ASP A 5 -3.02 4.36 4.61
N PRO A 6 -4.02 4.05 5.46
CA PRO A 6 -4.97 2.98 5.19
C PRO A 6 -5.71 3.18 3.86
N ARG A 7 -5.90 4.44 3.49
CA ARG A 7 -6.58 4.76 2.24
C ARG A 7 -5.75 4.30 1.05
N PHE A 8 -4.44 4.57 1.11
CA PHE A 8 -3.53 4.18 0.03
C PHE A 8 -3.51 2.66 -0.11
N ASN A 9 -3.60 1.96 1.02
CA ASN A 9 -3.61 0.50 1.02
C ASN A 9 -4.81 -0.04 0.24
N TYR A 10 -5.94 0.63 0.39
CA TYR A 10 -7.17 0.24 -0.31
C TYR A 10 -7.12 0.70 -1.76
N ASP A 11 -6.65 1.92 -1.97
CA ASP A 11 -6.55 2.51 -3.30
C ASP A 11 -5.58 1.71 -4.19
N HIS A 12 -4.47 1.28 -3.61
CA HIS A 12 -3.49 0.51 -4.35
C HIS A 12 -3.09 -0.76 -3.62
N PRO A 13 -3.95 -1.79 -3.68
CA PRO A 13 -3.70 -3.07 -3.04
C PRO A 13 -2.58 -3.85 -3.73
N GLU A 14 -2.32 -3.50 -4.99
CA GLU A 14 -1.26 -4.15 -5.77
C GLU A 14 0.10 -3.72 -5.28
N ILE A 15 0.27 -2.40 -5.12
CA ILE A 15 1.54 -1.85 -4.65
C ILE A 15 1.80 -2.25 -3.20
N CYS A 16 0.78 -2.07 -2.37
CA CYS A 16 0.88 -2.41 -0.95
C CYS A 16 1.03 -3.91 -0.76
N GLY A 17 0.35 -4.69 -1.59
CA GLY A 17 0.44 -6.13 -1.50
C GLY A 17 1.70 -6.66 -2.18
N GLY A 18 2.81 -5.99 -1.93
CA GLY A 18 4.08 -6.40 -2.51
C GLY A 18 5.23 -5.62 -1.92
N ALA A 19 5.06 -4.30 -1.81
CA ALA A 19 6.08 -3.43 -1.24
C ALA A 19 6.08 -3.50 0.29
N ALA A 20 6.18 -4.73 0.82
CA ALA A 20 6.19 -4.95 2.25
C ALA A 20 7.46 -4.40 2.88
N GLY A 21 7.30 -3.64 3.96
CA GLY A 21 8.44 -3.06 4.63
C GLY A 21 9.05 -1.92 3.85
N GLY A 22 8.21 -1.18 3.13
CA GLY A 22 8.68 -0.07 2.34
C GLY A 22 7.53 0.68 1.70
N GLY A 1 6.78 1.57 -0.49
CA GLY A 1 5.57 2.32 -0.68
C GLY A 1 5.05 2.90 0.61
N HIS A 2 4.30 4.00 0.51
CA HIS A 2 3.74 4.66 1.68
C HIS A 2 2.52 3.88 2.20
N CYS A 3 2.69 2.58 2.37
CA CYS A 3 1.61 1.71 2.84
C CYS A 3 1.32 1.90 4.33
N SER A 4 1.14 3.15 4.71
CA SER A 4 0.82 3.51 6.07
C SER A 4 -0.55 4.18 6.06
N ASP A 5 -0.77 4.96 5.02
CA ASP A 5 -2.02 5.68 4.83
C ASP A 5 -3.13 4.69 4.52
N PRO A 6 -4.30 4.85 5.14
CA PRO A 6 -5.44 3.96 4.92
C PRO A 6 -5.83 3.87 3.44
N ARG A 7 -5.79 5.01 2.75
CA ARG A 7 -6.13 5.05 1.33
C ARG A 7 -5.06 4.39 0.48
N PHE A 8 -3.80 4.62 0.81
CA PHE A 8 -2.71 4.02 0.05
C PHE A 8 -2.76 2.50 0.18
N ASN A 9 -3.18 2.01 1.32
CA ASN A 9 -3.28 0.56 1.55
C ASN A 9 -4.50 -0.03 0.85
N TYR A 10 -5.64 0.64 1.01
CA TYR A 10 -6.90 0.17 0.44
C TYR A 10 -6.99 0.39 -1.07
N ASP A 11 -6.87 1.64 -1.50
CA ASP A 11 -7.00 2.00 -2.91
C ASP A 11 -5.77 1.62 -3.73
N HIS A 12 -4.85 0.85 -3.14
CA HIS A 12 -3.64 0.45 -3.86
C HIS A 12 -3.22 -0.96 -3.44
N PRO A 13 -4.06 -1.97 -3.74
CA PRO A 13 -3.78 -3.36 -3.39
C PRO A 13 -2.55 -3.90 -4.11
N GLU A 14 -2.32 -3.44 -5.33
CA GLU A 14 -1.19 -3.89 -6.12
C GLU A 14 0.14 -3.36 -5.57
N ILE A 15 0.16 -2.10 -5.15
CA ILE A 15 1.38 -1.50 -4.61
C ILE A 15 1.76 -2.14 -3.27
N CYS A 16 0.84 -2.14 -2.33
CA CYS A 16 1.10 -2.70 -1.02
C CYS A 16 1.20 -4.22 -1.08
N GLY A 17 0.37 -4.84 -1.90
CA GLY A 17 0.41 -6.28 -2.06
C GLY A 17 1.50 -6.73 -3.02
N GLY A 18 2.69 -6.18 -2.86
CA GLY A 18 3.80 -6.53 -3.71
C GLY A 18 5.07 -5.82 -3.29
N ALA A 19 5.03 -4.50 -3.22
CA ALA A 19 6.17 -3.71 -2.82
C ALA A 19 6.29 -3.69 -1.29
N ALA A 20 5.16 -3.42 -0.65
CA ALA A 20 5.05 -3.36 0.81
C ALA A 20 5.95 -2.28 1.42
N GLY A 21 7.24 -2.56 1.49
CA GLY A 21 8.18 -1.60 2.04
C GLY A 21 8.43 -0.45 1.09
N GLY A 22 8.48 -0.75 -0.20
CA GLY A 22 8.70 0.28 -1.21
C GLY A 22 7.43 1.05 -1.52
N GLY A 1 5.14 -1.11 0.68
CA GLY A 1 5.21 0.19 0.05
C GLY A 1 4.54 1.28 0.89
N HIS A 2 3.71 2.10 0.26
CA HIS A 2 3.01 3.18 0.95
C HIS A 2 1.83 2.62 1.76
N CYS A 3 2.04 1.48 2.40
CA CYS A 3 1.01 0.82 3.20
C CYS A 3 0.69 1.63 4.46
N SER A 4 1.56 2.57 4.79
CA SER A 4 1.38 3.42 5.95
C SER A 4 0.11 4.26 5.81
N ASP A 5 -0.29 4.49 4.56
CA ASP A 5 -1.50 5.27 4.26
C ASP A 5 -2.69 4.32 4.14
N PRO A 6 -3.65 4.41 5.06
CA PRO A 6 -4.85 3.56 5.06
C PRO A 6 -5.65 3.68 3.76
N ARG A 7 -5.68 4.89 3.23
CA ARG A 7 -6.37 5.17 2.00
C ARG A 7 -5.68 4.48 0.83
N PHE A 8 -4.35 4.56 0.81
CA PHE A 8 -3.56 3.94 -0.24
C PHE A 8 -3.75 2.43 -0.26
N ASN A 9 -3.89 1.82 0.91
CA ASN A 9 -4.08 0.38 1.01
C ASN A 9 -5.33 -0.06 0.27
N TYR A 10 -6.37 0.77 0.34
CA TYR A 10 -7.62 0.48 -0.32
C TYR A 10 -7.56 0.87 -1.80
N ASP A 11 -6.94 2.02 -2.05
CA ASP A 11 -6.80 2.57 -3.39
C ASP A 11 -5.87 1.73 -4.27
N HIS A 12 -4.74 1.29 -3.71
CA HIS A 12 -3.78 0.49 -4.46
C HIS A 12 -3.09 -0.56 -3.59
N PRO A 13 -3.80 -1.63 -3.23
CA PRO A 13 -3.25 -2.71 -2.40
C PRO A 13 -2.11 -3.44 -3.11
N GLU A 14 -2.16 -3.49 -4.43
CA GLU A 14 -1.15 -4.16 -5.23
C GLU A 14 0.19 -3.44 -5.10
N ILE A 15 0.15 -2.11 -5.08
CA ILE A 15 1.37 -1.32 -4.94
C ILE A 15 1.91 -1.43 -3.51
N CYS A 16 1.00 -1.52 -2.55
CA CYS A 16 1.39 -1.67 -1.15
C CYS A 16 2.15 -2.97 -0.95
N GLY A 17 1.62 -4.04 -1.53
CA GLY A 17 2.27 -5.32 -1.42
C GLY A 17 2.12 -5.92 -0.05
N GLY A 18 0.87 -6.19 0.34
CA GLY A 18 0.58 -6.75 1.65
C GLY A 18 1.30 -8.08 1.87
N ALA A 19 1.31 -8.92 0.85
CA ALA A 19 1.97 -10.22 0.93
C ALA A 19 3.48 -10.04 1.00
N ALA A 20 3.99 -9.10 0.21
CA ALA A 20 5.41 -8.80 0.15
C ALA A 20 5.63 -7.51 -0.61
N GLY A 21 6.20 -6.51 0.05
CA GLY A 21 6.45 -5.24 -0.59
C GLY A 21 6.70 -4.15 0.42
N GLY A 22 5.69 -3.84 1.23
CA GLY A 22 5.82 -2.83 2.25
C GLY A 22 5.97 -1.43 1.67
#